data_6IRZ
#
_entry.id   6IRZ
#
_cell.length_a   71.669
_cell.length_b   83.165
_cell.length_c   93.132
_cell.angle_alpha   90.000
_cell.angle_beta   90.000
_cell.angle_gamma   90.000
#
_symmetry.space_group_name_H-M   'P 21 21 21'
#
loop_
_entity.id
_entity.type
_entity.pdbx_description
1 polymer 'PDX1 C-terminal-inhibiting factor 1'
2 non-polymer S-ADENOSYL-L-HOMOCYSTEINE
3 non-polymer 1,2-ETHANEDIOL
4 non-polymer "7N-METHYL-8-HYDROGUANOSINE-5'-DIPHOSPHATE"
5 water water
#
_entity_poly.entity_id   1
_entity_poly.type   'polypeptide(L)'
_entity_poly.pdbx_seq_one_letter_code
;VYWDLDIQTNAVIRERAPADHLPPHPEIELQRAQLTTKLRQHYHELCSQREGIEPPRESFNRWLLERKVVDKGLDPLLPS
ECDPVISPSMFREIMNDIPIRLSRIKYKEEARKLLFKYAEAAKKMIDSRNVTPESRKVVKWNVEDTMNWLRRDHSASKED
YMDRLENLRKQCGPHVASVAKDSVEGICSKIYHISAEYVRRIRQAHLTLLKECNISVDGTESAEVQDRLVYCYPVRLSIP
APPQTRVELHFENDIACLRFKGEMVKVSRGHFNKLELLYRYSCIDDPRFEKFLSRVWCLIKRYQVMFGSGVNEGSGLQGS
LPVPVFEALNKQFGVTFECFASPLNCYFKQFCSAFPDIDGFFGSRGPFLSFSPASGSFEANPPFCEELMDAMVTHFEDLL
GRSSEPLSFIIFVPEWRDPPTPALTRMEASRFRRHQMTVPAFEHEYRSGSQHICKREEIYYKAIHGTAVIFLQNNAGFAK
WEPTTERIQELLAAYK
;
_entity_poly.pdbx_strand_id   A
#
loop_
_chem_comp.id
_chem_comp.type
_chem_comp.name
_chem_comp.formula
EDO non-polymer 1,2-ETHANEDIOL 'C2 H6 O2'
M7G non-polymer 7N-METHYL-8-HYDROGUANOSINE-5'-DIPHOSPHATE 'C11 H19 N5 O11 P2'
#
# COMPACT_ATOMS: atom_id res chain seq x y z
N VAL A 1 -11.87 6.91 21.85
CA VAL A 1 -12.68 7.33 20.71
C VAL A 1 -11.80 7.61 19.49
N TYR A 2 -11.36 6.54 18.82
CA TYR A 2 -10.60 6.66 17.58
C TYR A 2 -11.43 6.35 16.32
N TRP A 3 -12.72 6.08 16.45
CA TRP A 3 -13.56 5.74 15.30
C TRP A 3 -14.99 6.05 15.66
N ASP A 4 -15.88 6.01 14.67
CA ASP A 4 -17.29 6.25 14.94
C ASP A 4 -18.08 5.28 14.09
N LEU A 5 -18.40 4.12 14.67
CA LEU A 5 -19.03 3.04 13.93
C LEU A 5 -20.55 3.15 13.92
N ASP A 6 -21.11 4.23 14.48
CA ASP A 6 -22.54 4.49 14.40
C ASP A 6 -22.96 5.21 13.13
N ILE A 7 -22.03 5.89 12.44
CA ILE A 7 -22.39 6.65 11.26
C ILE A 7 -22.82 5.67 10.17
N GLN A 8 -23.96 5.94 9.54
CA GLN A 8 -24.49 5.06 8.51
C GLN A 8 -23.98 5.50 7.14
N THR A 9 -23.85 4.53 6.23
CA THR A 9 -23.32 4.82 4.90
C THR A 9 -24.27 5.72 4.11
N ASN A 10 -23.70 6.57 3.26
CA ASN A 10 -24.54 7.11 2.20
C ASN A 10 -24.02 6.70 0.82
N ALA A 11 -23.18 5.66 0.75
CA ALA A 11 -22.74 5.10 -0.53
C ALA A 11 -23.84 4.24 -1.14
N VAL A 12 -24.11 4.45 -2.44
CA VAL A 12 -25.13 3.75 -3.21
C VAL A 12 -24.42 3.04 -4.37
N ILE A 13 -24.64 1.73 -4.50
CA ILE A 13 -24.02 0.91 -5.53
C ILE A 13 -25.11 0.06 -6.20
N ARG A 14 -24.80 -0.51 -7.36
CA ARG A 14 -25.66 -1.55 -7.93
C ARG A 14 -25.49 -2.82 -7.12
N GLU A 15 -26.60 -3.52 -6.87
CA GLU A 15 -26.57 -4.83 -6.20
C GLU A 15 -25.64 -5.74 -6.97
N ARG A 16 -24.73 -6.42 -6.28
CA ARG A 16 -23.74 -7.24 -6.95
C ARG A 16 -23.80 -8.67 -6.40
N ALA A 17 -23.41 -9.63 -7.23
CA ALA A 17 -23.44 -11.02 -6.81
C ALA A 17 -22.32 -11.30 -5.80
N PRO A 18 -22.51 -12.28 -4.90
CA PRO A 18 -21.44 -12.60 -3.93
C PRO A 18 -20.16 -13.02 -4.65
N ALA A 19 -19.03 -12.71 -4.01
CA ALA A 19 -17.70 -12.90 -4.58
C ALA A 19 -17.24 -14.35 -4.45
N ASP A 20 -16.26 -14.71 -5.30
CA ASP A 20 -15.82 -16.10 -5.43
C ASP A 20 -14.55 -16.43 -4.63
N HIS A 21 -14.11 -15.53 -3.73
CA HIS A 21 -12.92 -15.79 -2.94
C HIS A 21 -13.09 -17.06 -2.10
N LEU A 22 -12.03 -17.84 -1.99
CA LEU A 22 -12.06 -18.98 -1.09
C LEU A 22 -12.13 -18.47 0.35
N PRO A 23 -13.03 -18.99 1.18
CA PRO A 23 -13.16 -18.42 2.56
C PRO A 23 -11.91 -18.67 3.38
N PRO A 24 -11.45 -17.70 4.15
CA PRO A 24 -10.19 -17.85 4.89
C PRO A 24 -10.24 -18.88 6.01
N HIS A 25 -9.05 -19.39 6.37
CA HIS A 25 -8.89 -20.44 7.38
C HIS A 25 -7.47 -20.30 7.91
N PRO A 26 -7.24 -20.38 9.23
CA PRO A 26 -5.86 -20.17 9.75
C PRO A 26 -4.83 -21.13 9.15
N GLU A 27 -5.20 -22.36 8.82
CA GLU A 27 -4.21 -23.26 8.21
C GLU A 27 -3.66 -22.66 6.91
N ILE A 28 -4.54 -22.10 6.10
CA ILE A 28 -4.10 -21.52 4.83
C ILE A 28 -3.35 -20.21 5.07
N GLU A 29 -3.83 -19.41 6.01
CA GLU A 29 -3.17 -18.12 6.26
C GLU A 29 -1.75 -18.34 6.81
N LEU A 30 -1.56 -19.37 7.63
CA LEU A 30 -0.23 -19.67 8.14
C LEU A 30 0.71 -20.09 7.00
N GLN A 31 0.24 -20.91 6.06
CA GLN A 31 1.06 -21.30 4.92
C GLN A 31 1.40 -20.09 4.05
N ARG A 32 0.42 -19.21 3.79
CA ARG A 32 0.73 -17.98 3.05
C ARG A 32 1.79 -17.12 3.75
N ALA A 33 1.72 -17.04 5.09
CA ALA A 33 2.72 -16.30 5.86
C ALA A 33 4.12 -16.91 5.71
N GLN A 34 4.21 -18.24 5.82
CA GLN A 34 5.50 -18.89 5.75
C GLN A 34 6.11 -18.74 4.34
N LEU A 35 5.28 -18.84 3.30
CA LEU A 35 5.80 -18.72 1.95
C LEU A 35 6.15 -17.27 1.62
N THR A 36 5.37 -16.30 2.12
CA THR A 36 5.72 -14.90 1.90
C THR A 36 7.04 -14.54 2.58
N THR A 37 7.28 -15.09 3.78
CA THR A 37 8.59 -14.92 4.41
C THR A 37 9.70 -15.43 3.50
N LYS A 38 9.52 -16.63 2.94
CA LYS A 38 10.51 -17.19 2.01
C LYS A 38 10.68 -16.30 0.78
N LEU A 39 9.58 -15.73 0.29
CA LEU A 39 9.67 -14.84 -0.87
C LEU A 39 10.48 -13.58 -0.54
N ARG A 40 10.28 -13.02 0.67
CA ARG A 40 11.10 -11.88 1.06
C ARG A 40 12.58 -12.27 1.15
N GLN A 41 12.86 -13.51 1.59
CA GLN A 41 14.25 -13.98 1.67
C GLN A 41 14.86 -14.16 0.28
N HIS A 42 14.07 -14.67 -0.67
CA HIS A 42 14.55 -14.78 -2.05
C HIS A 42 14.90 -13.41 -2.61
N TYR A 43 14.07 -12.41 -2.31
CA TYR A 43 14.33 -11.05 -2.77
C TYR A 43 15.61 -10.50 -2.16
N HIS A 44 15.82 -10.76 -0.86
CA HIS A 44 17.05 -10.34 -0.19
C HIS A 44 18.28 -10.98 -0.84
N GLU A 45 18.25 -12.30 -1.09
CA GLU A 45 19.39 -12.97 -1.73
C GLU A 45 19.62 -12.49 -3.16
N LEU A 46 18.57 -12.19 -3.91
CA LEU A 46 18.78 -11.73 -5.29
C LEU A 46 19.43 -10.34 -5.30
N CYS A 47 18.99 -9.46 -4.42
CA CYS A 47 19.57 -8.12 -4.37
C CYS A 47 21.02 -8.17 -3.91
N SER A 48 21.32 -9.07 -2.97
CA SER A 48 22.70 -9.23 -2.52
C SER A 48 23.58 -9.82 -3.63
N GLN A 49 23.13 -10.92 -4.26
CA GLN A 49 23.98 -11.62 -5.21
C GLN A 49 24.14 -10.85 -6.51
N ARG A 50 23.09 -10.22 -7.00
CA ARG A 50 23.17 -9.62 -8.32
C ARG A 50 23.75 -8.22 -8.27
N GLU A 51 23.45 -7.46 -7.19
CA GLU A 51 23.87 -6.06 -7.10
C GLU A 51 24.59 -5.67 -5.83
N GLY A 52 24.85 -6.60 -4.90
CA GLY A 52 25.56 -6.26 -3.68
C GLY A 52 24.86 -5.26 -2.79
N ILE A 53 23.52 -5.26 -2.77
CA ILE A 53 22.80 -4.33 -1.93
C ILE A 53 21.72 -5.05 -1.14
N GLU A 54 21.30 -4.42 -0.05
CA GLU A 54 20.08 -4.80 0.63
C GLU A 54 18.88 -4.43 -0.22
N PRO A 55 17.77 -5.15 -0.07
CA PRO A 55 16.53 -4.73 -0.73
C PRO A 55 16.18 -3.31 -0.31
N PRO A 56 15.84 -2.43 -1.25
CA PRO A 56 15.46 -1.07 -0.89
C PRO A 56 14.32 -1.08 0.11
N ARG A 57 14.44 -0.24 1.13
CA ARG A 57 13.49 -0.29 2.24
C ARG A 57 12.07 -0.01 1.78
N GLU A 58 11.14 -0.89 2.15
CA GLU A 58 9.71 -0.78 1.82
C GLU A 58 9.39 -1.17 0.38
N SER A 59 10.39 -1.57 -0.42
CA SER A 59 10.15 -1.79 -1.85
C SER A 59 9.31 -3.05 -2.08
N PHE A 60 9.55 -4.10 -1.29
CA PHE A 60 8.72 -5.30 -1.45
C PHE A 60 7.24 -5.01 -1.13
N ASN A 61 6.97 -4.26 -0.07
CA ASN A 61 5.58 -3.93 0.27
C ASN A 61 4.95 -3.08 -0.83
N ARG A 62 5.69 -2.09 -1.34
CA ARG A 62 5.20 -1.30 -2.47
C ARG A 62 5.04 -2.15 -3.73
N TRP A 63 5.84 -3.20 -3.86
CA TRP A 63 5.67 -4.08 -5.02
C TRP A 63 4.37 -4.85 -4.94
N LEU A 64 4.00 -5.33 -3.73
CA LEU A 64 2.72 -5.99 -3.58
C LEU A 64 1.57 -5.08 -4.02
N LEU A 65 1.64 -3.79 -3.69
CA LEU A 65 0.56 -2.88 -4.10
C LEU A 65 0.57 -2.66 -5.62
N GLU A 66 1.72 -2.31 -6.20
CA GLU A 66 1.74 -2.09 -7.65
C GLU A 66 1.26 -3.32 -8.42
N ARG A 67 1.70 -4.51 -8.01
CA ARG A 67 1.31 -5.72 -8.73
C ARG A 67 -0.21 -5.91 -8.69
N LYS A 68 -0.82 -5.59 -7.54
CA LYS A 68 -2.27 -5.79 -7.43
C LYS A 68 -3.08 -4.82 -8.27
N VAL A 69 -2.47 -3.74 -8.78
CA VAL A 69 -3.18 -2.91 -9.74
C VAL A 69 -3.48 -3.70 -11.00
N VAL A 70 -2.60 -4.61 -11.39
CA VAL A 70 -2.77 -5.32 -12.66
C VAL A 70 -2.92 -6.83 -12.49
N ASP A 71 -2.85 -7.35 -11.27
CA ASP A 71 -2.85 -8.80 -11.06
C ASP A 71 -4.23 -9.38 -11.38
N LYS A 72 -4.22 -10.45 -12.20
CA LYS A 72 -5.43 -11.17 -12.58
C LYS A 72 -5.55 -12.52 -11.89
N GLY A 73 -4.64 -12.86 -11.02
CA GLY A 73 -4.55 -14.20 -10.47
C GLY A 73 -5.38 -14.40 -9.22
N LEU A 74 -5.07 -15.48 -8.51
CA LEU A 74 -6.03 -16.10 -7.61
C LEU A 74 -5.73 -15.88 -6.13
N ASP A 75 -4.56 -15.31 -5.77
CA ASP A 75 -4.26 -15.03 -4.36
C ASP A 75 -4.69 -13.63 -3.96
N PRO A 76 -5.29 -13.49 -2.77
CA PRO A 76 -5.64 -12.14 -2.29
C PRO A 76 -4.45 -11.28 -1.94
N LEU A 77 -3.26 -11.84 -1.69
CA LEU A 77 -2.08 -11.08 -1.31
C LEU A 77 -0.97 -11.12 -2.34
N LEU A 78 -0.56 -12.31 -2.82
CA LEU A 78 0.63 -12.38 -3.67
C LEU A 78 0.25 -12.37 -5.16
N PRO A 79 1.07 -11.77 -6.01
CA PRO A 79 0.71 -11.66 -7.43
C PRO A 79 1.11 -12.93 -8.18
N SER A 80 0.42 -13.16 -9.30
CA SER A 80 0.68 -14.38 -10.03
C SER A 80 0.34 -14.30 -11.52
N GLU A 81 -0.33 -13.24 -11.95
CA GLU A 81 -0.76 -13.18 -13.35
C GLU A 81 -0.82 -11.70 -13.75
N CYS A 82 0.36 -11.14 -14.06
CA CYS A 82 0.53 -9.70 -14.24
C CYS A 82 1.16 -9.38 -15.59
N ASP A 83 0.61 -8.36 -16.26
CA ASP A 83 1.18 -7.72 -17.44
C ASP A 83 1.40 -6.26 -17.08
N PRO A 84 2.65 -5.76 -17.06
CA PRO A 84 3.84 -6.50 -17.51
C PRO A 84 4.51 -7.28 -16.38
N VAL A 85 5.35 -8.24 -16.77
CA VAL A 85 6.06 -9.07 -15.80
C VAL A 85 6.96 -8.24 -14.90
N ILE A 86 7.68 -7.26 -15.48
CA ILE A 86 8.64 -6.45 -14.72
C ILE A 86 7.88 -5.32 -14.04
N SER A 87 7.95 -5.27 -12.72
CA SER A 87 7.29 -4.18 -12.00
C SER A 87 8.06 -2.88 -12.15
N PRO A 88 7.45 -1.80 -12.65
CA PRO A 88 8.16 -0.53 -12.71
C PRO A 88 8.47 0.02 -11.34
N SER A 89 7.70 -0.37 -10.31
CA SER A 89 7.96 0.09 -8.95
C SER A 89 9.26 -0.51 -8.42
N MET A 90 9.34 -1.84 -8.41
CA MET A 90 10.54 -2.49 -7.90
C MET A 90 11.75 -2.09 -8.71
N PHE A 91 11.59 -1.96 -10.04
CA PHE A 91 12.73 -1.58 -10.88
C PHE A 91 13.28 -0.22 -10.46
N ARG A 92 12.42 0.81 -10.45
CA ARG A 92 12.74 2.15 -9.97
C ARG A 92 13.56 2.13 -8.69
N GLU A 93 13.07 1.38 -7.71
CA GLU A 93 13.63 1.49 -6.36
C GLU A 93 14.98 0.80 -6.27
N ILE A 94 15.13 -0.37 -6.90
CA ILE A 94 16.44 -1.02 -6.90
C ILE A 94 17.44 -0.12 -7.61
N MET A 95 17.06 0.42 -8.78
CA MET A 95 18.00 1.25 -9.56
C MET A 95 18.49 2.44 -8.76
N ASN A 96 17.62 3.01 -7.91
CA ASN A 96 18.02 4.17 -7.11
C ASN A 96 19.08 3.82 -6.07
N ASP A 97 19.22 2.55 -5.67
CA ASP A 97 20.27 2.16 -4.74
C ASP A 97 21.48 1.52 -5.43
N ILE A 98 21.69 1.79 -6.71
CA ILE A 98 22.85 1.29 -7.44
C ILE A 98 23.74 2.48 -7.76
N PRO A 99 25.04 2.42 -7.46
CA PRO A 99 25.73 1.23 -6.96
C PRO A 99 25.67 1.04 -5.44
N ILE A 100 25.22 2.05 -4.69
CA ILE A 100 24.96 1.91 -3.26
C ILE A 100 23.70 2.69 -2.90
N ARG A 101 23.15 2.38 -1.73
CA ARG A 101 22.06 3.16 -1.14
C ARG A 101 22.63 4.43 -0.50
N LEU A 102 22.10 5.60 -0.91
CA LEU A 102 22.49 6.86 -0.28
C LEU A 102 21.79 6.96 1.07
N SER A 103 22.56 7.06 2.13
CA SER A 103 22.00 7.12 3.49
C SER A 103 22.00 8.55 4.03
N ARG A 104 21.24 8.76 5.11
CA ARG A 104 21.19 10.07 5.75
C ARG A 104 22.53 10.34 6.43
N ILE A 105 22.92 11.62 6.43
CA ILE A 105 24.19 11.99 7.04
C ILE A 105 23.93 13.16 7.99
N LYS A 106 24.74 13.24 9.04
CA LYS A 106 24.72 14.39 9.94
C LYS A 106 26.06 15.10 10.00
N TYR A 107 27.15 14.39 9.81
CA TYR A 107 28.47 14.90 10.13
C TYR A 107 29.33 14.99 8.87
N LYS A 108 30.18 16.01 8.87
CA LYS A 108 31.15 16.20 7.80
C LYS A 108 31.86 14.90 7.45
N GLU A 109 32.27 14.13 8.46
CA GLU A 109 32.99 12.90 8.16
C GLU A 109 32.07 11.80 7.62
N GLU A 110 30.76 11.89 7.85
CA GLU A 110 29.84 10.93 7.24
C GLU A 110 29.61 11.23 5.77
N ALA A 111 29.54 12.52 5.41
CA ALA A 111 29.43 12.87 3.99
C ALA A 111 30.70 12.48 3.24
N ARG A 112 31.86 12.72 3.84
CA ARG A 112 33.09 12.32 3.18
C ARG A 112 33.09 10.81 2.92
N LYS A 113 32.76 10.00 3.93
CA LYS A 113 32.79 8.56 3.74
C LYS A 113 31.81 8.12 2.66
N LEU A 114 30.64 8.76 2.62
CA LEU A 114 29.62 8.32 1.65
C LEU A 114 30.05 8.65 0.23
N LEU A 115 30.60 9.84 0.01
CA LEU A 115 31.13 10.20 -1.31
C LEU A 115 32.19 9.21 -1.73
N PHE A 116 33.08 8.84 -0.80
CA PHE A 116 34.10 7.85 -1.13
C PHE A 116 33.48 6.49 -1.40
N LYS A 117 32.54 6.04 -0.54
CA LYS A 117 31.91 4.74 -0.75
C LYS A 117 31.24 4.65 -2.12
N TYR A 118 30.60 5.74 -2.56
CA TYR A 118 29.99 5.75 -3.89
C TYR A 118 31.06 5.63 -4.97
N ALA A 119 32.10 6.44 -4.90
CA ALA A 119 33.10 6.41 -5.97
C ALA A 119 33.74 5.03 -6.09
N GLU A 120 34.13 4.45 -4.93
CA GLU A 120 34.67 3.10 -4.89
C GLU A 120 33.72 2.08 -5.53
N ALA A 121 32.43 2.14 -5.19
CA ALA A 121 31.47 1.17 -5.72
C ALA A 121 31.28 1.32 -7.23
N ALA A 122 31.23 2.56 -7.72
CA ALA A 122 31.12 2.78 -9.16
C ALA A 122 32.34 2.20 -9.88
N LYS A 123 33.54 2.40 -9.31
CA LYS A 123 34.73 1.81 -9.90
C LYS A 123 34.65 0.30 -9.96
N LYS A 124 34.26 -0.32 -8.83
CA LYS A 124 34.18 -1.78 -8.80
C LYS A 124 33.21 -2.30 -9.87
N MET A 125 32.13 -1.57 -10.08
CA MET A 125 31.14 -1.95 -11.10
C MET A 125 31.77 -1.98 -12.49
N ILE A 126 32.47 -0.91 -12.86
CA ILE A 126 33.16 -0.82 -14.15
C ILE A 126 34.25 -1.88 -14.29
N ASP A 127 34.95 -2.17 -13.20
CA ASP A 127 36.07 -3.11 -13.30
C ASP A 127 35.59 -4.53 -13.56
N SER A 128 34.42 -4.90 -13.05
CA SER A 128 34.02 -6.30 -12.98
C SER A 128 32.88 -6.68 -13.91
N ARG A 129 32.25 -5.73 -14.61
CA ARG A 129 31.03 -6.03 -15.34
C ARG A 129 31.13 -5.50 -16.76
N ASN A 130 30.21 -5.99 -17.59
CA ASN A 130 30.19 -5.61 -18.99
C ASN A 130 29.68 -4.19 -19.15
N VAL A 131 30.47 -3.34 -19.79
CA VAL A 131 30.15 -1.93 -19.95
C VAL A 131 30.74 -1.46 -21.27
N THR A 132 30.03 -0.55 -21.94
CA THR A 132 30.54 -0.01 -23.20
C THR A 132 31.83 0.77 -22.96
N PRO A 133 32.68 0.90 -23.98
CA PRO A 133 33.83 1.78 -23.86
C PRO A 133 33.46 3.23 -23.58
N GLU A 134 32.32 3.72 -24.08
CA GLU A 134 31.93 5.09 -23.76
C GLU A 134 31.57 5.24 -22.28
N SER A 135 30.69 4.37 -21.77
CA SER A 135 30.30 4.48 -20.36
C SER A 135 31.50 4.23 -19.45
N ARG A 136 32.37 3.30 -19.83
CA ARG A 136 33.52 2.99 -18.98
C ARG A 136 34.41 4.21 -18.79
N LYS A 137 34.65 4.98 -19.85
CA LYS A 137 35.61 6.08 -19.70
C LYS A 137 35.00 7.25 -18.96
N VAL A 138 33.68 7.45 -19.08
CA VAL A 138 33.05 8.54 -18.35
C VAL A 138 33.07 8.26 -16.84
N VAL A 139 32.70 7.04 -16.44
CA VAL A 139 32.71 6.72 -15.02
C VAL A 139 34.12 6.79 -14.48
N LYS A 140 35.05 6.13 -15.16
CA LYS A 140 36.43 6.04 -14.71
C LYS A 140 37.02 7.43 -14.53
N TRP A 141 36.73 8.33 -15.47
CA TRP A 141 37.20 9.71 -15.35
C TRP A 141 36.58 10.40 -14.12
N ASN A 142 35.26 10.33 -13.99
CA ASN A 142 34.62 10.97 -12.82
C ASN A 142 35.14 10.40 -11.51
N VAL A 143 35.36 9.09 -11.46
CA VAL A 143 35.82 8.48 -10.22
C VAL A 143 37.24 8.93 -9.87
N GLU A 144 38.16 8.89 -10.86
CA GLU A 144 39.53 9.36 -10.62
C GLU A 144 39.54 10.83 -10.20
N ASP A 145 38.65 11.63 -10.79
CA ASP A 145 38.60 13.04 -10.44
C ASP A 145 38.15 13.22 -8.99
N THR A 146 37.16 12.42 -8.55
CA THR A 146 36.75 12.49 -7.16
C THR A 146 37.85 12.02 -6.21
N MET A 147 38.59 10.97 -6.60
CA MET A 147 39.68 10.52 -5.75
C MET A 147 40.83 11.52 -5.70
N ASN A 148 41.10 12.20 -6.83
CA ASN A 148 42.12 13.24 -6.81
C ASN A 148 41.72 14.39 -5.91
N TRP A 149 40.45 14.79 -5.97
CA TRP A 149 39.95 15.86 -5.10
C TRP A 149 40.06 15.48 -3.63
N LEU A 150 39.68 14.25 -3.27
CA LEU A 150 39.79 13.82 -1.88
C LEU A 150 41.25 13.68 -1.44
N ARG A 151 42.16 13.51 -2.39
CA ARG A 151 43.60 13.42 -2.14
C ARG A 151 44.21 14.75 -1.71
N ARG A 152 43.49 15.86 -1.85
CA ARG A 152 44.03 17.17 -1.51
C ARG A 152 44.21 17.32 0.00
N ASP A 153 45.26 18.06 0.38
CA ASP A 153 45.61 18.22 1.79
C ASP A 153 44.52 18.96 2.56
N HIS A 154 44.14 20.15 2.09
CA HIS A 154 43.16 20.97 2.80
C HIS A 154 41.75 20.43 2.59
N SER A 155 41.00 20.33 3.68
CA SER A 155 39.68 19.71 3.66
C SER A 155 38.58 20.73 3.35
N ALA A 156 37.47 20.20 2.83
CA ALA A 156 36.26 20.92 2.50
C ALA A 156 35.20 20.68 3.59
N SER A 157 34.05 21.34 3.45
CA SER A 157 33.00 21.31 4.45
C SER A 157 32.05 20.14 4.20
N LYS A 158 31.10 19.95 5.12
CA LYS A 158 30.12 18.88 4.94
C LYS A 158 29.28 19.10 3.68
N GLU A 159 28.82 20.33 3.45
CA GLU A 159 27.96 20.61 2.31
C GLU A 159 28.70 20.45 0.99
N ASP A 160 30.00 20.76 0.97
CA ASP A 160 30.82 20.51 -0.21
C ASP A 160 30.93 19.01 -0.49
N TYR A 161 31.17 18.21 0.56
CA TYR A 161 31.16 16.76 0.38
C TYR A 161 29.83 16.28 -0.18
N MET A 162 28.72 16.80 0.35
CA MET A 162 27.41 16.41 -0.16
C MET A 162 27.19 16.89 -1.59
N ASP A 163 27.59 18.13 -1.89
CA ASP A 163 27.43 18.64 -3.26
C ASP A 163 28.25 17.82 -4.24
N ARG A 164 29.48 17.46 -3.85
CA ARG A 164 30.33 16.65 -4.70
C ARG A 164 29.64 15.33 -5.02
N LEU A 165 29.02 14.69 -4.01
CA LEU A 165 28.38 13.41 -4.23
C LEU A 165 27.17 13.55 -5.16
N GLU A 166 26.38 14.61 -4.95
CA GLU A 166 25.26 14.89 -5.85
C GLU A 166 25.72 15.02 -7.29
N ASN A 167 26.80 15.76 -7.53
CA ASN A 167 27.30 15.96 -8.88
C ASN A 167 27.86 14.65 -9.46
N LEU A 168 28.64 13.91 -8.67
CA LEU A 168 29.19 12.65 -9.14
C LEU A 168 28.09 11.68 -9.55
N ARG A 169 26.99 11.67 -8.80
CA ARG A 169 25.88 10.79 -9.09
C ARG A 169 25.13 11.22 -10.33
N LYS A 170 25.00 12.53 -10.57
CA LYS A 170 24.34 13.00 -11.79
C LYS A 170 25.13 12.55 -13.03
N GLN A 171 26.46 12.58 -12.93
CA GLN A 171 27.36 12.19 -14.03
C GLN A 171 27.38 10.68 -14.25
N CYS A 172 27.51 9.89 -13.18
CA CYS A 172 27.68 8.45 -13.30
C CYS A 172 26.36 7.72 -13.45
N GLY A 173 25.30 8.27 -12.86
CA GLY A 173 23.97 7.71 -12.82
C GLY A 173 23.53 6.97 -14.08
N PRO A 174 23.38 7.70 -15.20
CA PRO A 174 22.95 7.04 -16.45
C PRO A 174 23.86 5.91 -16.89
N HIS A 175 25.16 6.04 -16.68
CA HIS A 175 26.06 4.98 -17.13
C HIS A 175 25.93 3.75 -16.25
N VAL A 176 25.83 3.98 -14.94
CA VAL A 176 25.68 2.89 -14.00
C VAL A 176 24.37 2.17 -14.23
N ALA A 177 23.30 2.92 -14.52
CA ALA A 177 22.00 2.31 -14.80
C ALA A 177 22.05 1.42 -16.04
N SER A 178 22.75 1.85 -17.09
CA SER A 178 22.81 1.02 -18.29
C SER A 178 23.60 -0.26 -18.04
N VAL A 179 24.57 -0.23 -17.13
CA VAL A 179 25.31 -1.43 -16.79
C VAL A 179 24.44 -2.40 -15.99
N ALA A 180 23.59 -1.90 -15.06
CA ALA A 180 22.81 -2.79 -14.21
C ALA A 180 21.40 -3.11 -14.75
N LYS A 181 20.96 -2.49 -15.85
CA LYS A 181 19.54 -2.52 -16.20
C LYS A 181 19.00 -3.95 -16.38
N ASP A 182 19.70 -4.78 -17.16
CA ASP A 182 19.19 -6.12 -17.45
C ASP A 182 19.21 -6.98 -16.19
N SER A 183 20.22 -6.77 -15.34
CA SER A 183 20.30 -7.53 -14.10
C SER A 183 19.14 -7.22 -13.18
N VAL A 184 18.80 -5.95 -13.04
CA VAL A 184 17.72 -5.53 -12.14
C VAL A 184 16.36 -5.99 -12.67
N GLU A 185 16.15 -5.87 -13.99
CA GLU A 185 14.95 -6.45 -14.60
C GLU A 185 14.83 -7.93 -14.27
N GLY A 186 15.95 -8.65 -14.24
CA GLY A 186 15.93 -10.07 -13.89
C GLY A 186 15.50 -10.33 -12.44
N ILE A 187 15.86 -9.44 -11.51
CA ILE A 187 15.35 -9.59 -10.14
C ILE A 187 13.83 -9.44 -10.12
N CYS A 188 13.33 -8.40 -10.80
CA CYS A 188 11.89 -8.16 -10.84
C CYS A 188 11.13 -9.37 -11.40
N SER A 189 11.60 -9.93 -12.52
CA SER A 189 10.97 -11.11 -13.12
C SER A 189 11.06 -12.32 -12.21
N LYS A 190 12.25 -12.59 -11.67
CA LYS A 190 12.42 -13.83 -10.91
C LYS A 190 11.53 -13.84 -9.66
N ILE A 191 11.42 -12.72 -8.96
CA ILE A 191 10.63 -12.72 -7.73
C ILE A 191 9.14 -12.84 -8.07
N TYR A 192 8.70 -12.21 -9.16
CA TYR A 192 7.34 -12.41 -9.68
C TYR A 192 7.06 -13.90 -10.00
N HIS A 193 8.01 -14.59 -10.63
CA HIS A 193 7.75 -15.97 -11.00
C HIS A 193 7.78 -16.91 -9.78
N ILE A 194 8.62 -16.62 -8.79
CA ILE A 194 8.56 -17.41 -7.56
C ILE A 194 7.22 -17.18 -6.85
N SER A 195 6.76 -15.94 -6.80
CA SER A 195 5.45 -15.65 -6.23
C SER A 195 4.38 -16.48 -6.90
N ALA A 196 4.40 -16.56 -8.23
CA ALA A 196 3.40 -17.33 -8.96
C ALA A 196 3.41 -18.79 -8.52
N GLU A 197 4.60 -19.38 -8.30
CA GLU A 197 4.66 -20.79 -7.88
C GLU A 197 4.09 -20.94 -6.46
N TYR A 198 4.38 -20.00 -5.58
CA TYR A 198 3.81 -20.04 -4.22
C TYR A 198 2.29 -19.92 -4.25
N VAL A 199 1.76 -19.01 -5.08
CA VAL A 199 0.32 -18.84 -5.21
C VAL A 199 -0.34 -20.15 -5.60
N ARG A 200 0.28 -20.88 -6.53
CA ARG A 200 -0.27 -22.14 -7.00
C ARG A 200 -0.32 -23.17 -5.89
N ARG A 201 0.74 -23.23 -5.05
CA ARG A 201 0.75 -24.15 -3.91
C ARG A 201 -0.35 -23.81 -2.91
N ILE A 202 -0.46 -22.53 -2.55
CA ILE A 202 -1.47 -22.08 -1.59
C ILE A 202 -2.87 -22.42 -2.11
N ARG A 203 -3.12 -22.11 -3.38
CA ARG A 203 -4.39 -22.39 -4.02
C ARG A 203 -4.73 -23.88 -3.97
N GLN A 204 -3.78 -24.76 -4.32
CA GLN A 204 -4.09 -26.18 -4.23
C GLN A 204 -4.37 -26.61 -2.78
N ALA A 205 -3.60 -26.09 -1.82
CA ALA A 205 -3.83 -26.48 -0.44
C ALA A 205 -5.19 -26.01 0.04
N HIS A 206 -5.61 -24.82 -0.42
CA HIS A 206 -6.89 -24.30 0.01
C HIS A 206 -8.03 -25.10 -0.62
N LEU A 207 -7.90 -25.46 -1.90
CA LEU A 207 -8.93 -26.27 -2.54
C LEU A 207 -9.05 -27.64 -1.86
N THR A 208 -7.92 -28.23 -1.48
CA THR A 208 -7.96 -29.53 -0.82
C THR A 208 -8.62 -29.44 0.54
N LEU A 209 -8.39 -28.34 1.25
CA LEU A 209 -8.99 -28.19 2.58
C LEU A 209 -10.52 -28.08 2.47
N LEU A 210 -11.01 -27.32 1.48
CA LEU A 210 -12.46 -27.26 1.33
C LEU A 210 -13.03 -28.63 0.95
N LYS A 211 -12.35 -29.37 0.06
CA LYS A 211 -12.86 -30.68 -0.31
C LYS A 211 -12.91 -31.62 0.91
N GLU A 212 -11.92 -31.52 1.79
CA GLU A 212 -11.91 -32.30 3.02
C GLU A 212 -13.12 -31.95 3.90
N CYS A 213 -13.58 -30.69 3.87
CA CYS A 213 -14.79 -30.29 4.57
C CYS A 213 -16.06 -30.52 3.77
N ASN A 214 -15.99 -31.22 2.63
CA ASN A 214 -17.16 -31.47 1.76
C ASN A 214 -17.87 -30.18 1.34
N ILE A 215 -17.08 -29.14 1.07
CA ILE A 215 -17.63 -27.87 0.62
C ILE A 215 -17.36 -27.74 -0.87
N SER A 216 -18.41 -27.42 -1.63
CA SER A 216 -18.33 -27.28 -3.08
C SER A 216 -17.86 -25.88 -3.48
N VAL A 217 -16.91 -25.83 -4.42
CA VAL A 217 -16.35 -24.59 -4.95
C VAL A 217 -17.09 -24.06 -6.18
N ASP A 218 -18.00 -24.82 -6.77
CA ASP A 218 -18.70 -24.24 -7.92
C ASP A 218 -20.21 -24.21 -7.73
N VAL A 225 -29.39 -11.37 -9.77
CA VAL A 225 -28.52 -10.21 -9.63
C VAL A 225 -29.01 -9.10 -10.56
N GLN A 226 -28.90 -7.84 -10.12
CA GLN A 226 -29.57 -6.74 -10.81
C GLN A 226 -28.67 -5.52 -10.99
N ASP A 227 -29.20 -4.56 -11.76
CA ASP A 227 -28.78 -3.16 -11.72
C ASP A 227 -29.73 -2.30 -10.85
N ARG A 228 -30.29 -2.91 -9.81
CA ARG A 228 -31.02 -2.18 -8.80
C ARG A 228 -30.03 -1.53 -7.84
N LEU A 229 -30.29 -0.26 -7.49
CA LEU A 229 -29.41 0.48 -6.58
C LEU A 229 -29.78 0.17 -5.14
N VAL A 230 -28.75 0.05 -4.30
CA VAL A 230 -28.90 -0.25 -2.88
C VAL A 230 -27.81 0.50 -2.12
N TYR A 231 -28.05 0.78 -0.84
CA TYR A 231 -26.95 1.24 -0.01
C TYR A 231 -25.91 0.14 0.09
N CYS A 232 -24.65 0.54 0.22
CA CYS A 232 -23.56 -0.43 0.17
C CYS A 232 -23.63 -1.39 1.36
N TYR A 233 -22.92 -2.50 1.24
CA TYR A 233 -22.93 -3.55 2.26
C TYR A 233 -21.62 -4.32 2.14
N PRO A 234 -21.23 -5.05 3.17
CA PRO A 234 -19.94 -5.77 3.08
C PRO A 234 -19.92 -6.81 1.97
N VAL A 235 -18.69 -7.11 1.49
CA VAL A 235 -18.51 -8.18 0.51
C VAL A 235 -18.92 -9.51 1.12
N ARG A 236 -19.72 -10.27 0.38
CA ARG A 236 -20.17 -11.61 0.76
C ARG A 236 -19.49 -12.64 -0.14
N LEU A 237 -19.21 -13.81 0.42
CA LEU A 237 -18.59 -14.90 -0.31
C LEU A 237 -19.65 -15.93 -0.68
N SER A 238 -19.60 -16.42 -1.92
CA SER A 238 -20.55 -17.43 -2.36
C SER A 238 -20.22 -18.80 -1.81
N ILE A 239 -18.96 -19.09 -1.54
CA ILE A 239 -18.58 -20.43 -1.08
C ILE A 239 -18.82 -20.51 0.42
N PRO A 240 -19.49 -21.56 0.92
CA PRO A 240 -19.70 -21.69 2.36
C PRO A 240 -18.36 -21.74 3.10
N ALA A 241 -18.35 -21.16 4.33
CA ALA A 241 -17.07 -21.10 5.04
C ALA A 241 -16.77 -22.45 5.68
N PRO A 242 -15.52 -22.83 5.81
CA PRO A 242 -15.20 -24.08 6.53
C PRO A 242 -15.46 -23.95 8.03
N PRO A 243 -15.47 -25.05 8.76
CA PRO A 243 -15.73 -24.97 10.20
C PRO A 243 -14.65 -24.19 10.95
N GLN A 244 -15.05 -23.57 12.08
CA GLN A 244 -14.09 -22.94 12.96
C GLN A 244 -12.97 -23.93 13.28
N THR A 245 -11.80 -23.42 13.54
CA THR A 245 -10.72 -24.24 14.10
C THR A 245 -10.46 -23.78 15.53
N ARG A 246 -9.56 -24.47 16.22
CA ARG A 246 -9.25 -24.15 17.62
C ARG A 246 -8.31 -22.95 17.67
N VAL A 247 -8.82 -21.78 18.05
CA VAL A 247 -8.01 -20.59 18.30
C VAL A 247 -8.29 -20.14 19.73
N GLU A 248 -7.23 -20.02 20.53
CA GLU A 248 -7.35 -19.69 21.95
C GLU A 248 -7.03 -18.23 22.20
N LEU A 249 -7.81 -17.61 23.09
CA LEU A 249 -7.70 -16.18 23.39
C LEU A 249 -7.50 -15.98 24.88
N HIS A 250 -6.46 -15.21 25.23
CA HIS A 250 -6.32 -14.64 26.57
C HIS A 250 -5.73 -13.26 26.44
N PHE A 251 -5.90 -12.49 27.49
CA PHE A 251 -5.45 -11.12 27.54
C PHE A 251 -4.27 -11.01 28.47
N GLU A 252 -3.42 -10.04 28.18
CA GLU A 252 -2.10 -9.94 28.81
C GLU A 252 -1.74 -8.46 28.73
N ASN A 253 -1.98 -7.73 29.83
CA ASN A 253 -1.64 -6.31 29.91
C ASN A 253 -2.30 -5.52 28.78
N ASP A 254 -3.62 -5.69 28.67
CA ASP A 254 -4.42 -5.05 27.63
C ASP A 254 -3.98 -5.40 26.21
N ILE A 255 -3.38 -6.57 26.02
CA ILE A 255 -3.05 -7.07 24.69
C ILE A 255 -3.80 -8.38 24.49
N ALA A 256 -4.59 -8.48 23.42
CA ALA A 256 -5.27 -9.71 23.07
C ALA A 256 -4.29 -10.65 22.40
N CYS A 257 -4.16 -11.86 22.93
CA CYS A 257 -3.22 -12.86 22.43
C CYS A 257 -4.02 -14.03 21.87
N LEU A 258 -3.92 -14.27 20.56
CA LEU A 258 -4.66 -15.32 19.88
C LEU A 258 -3.71 -16.38 19.39
N ARG A 259 -3.89 -17.61 19.84
CA ARG A 259 -2.97 -18.69 19.50
C ARG A 259 -3.63 -19.73 18.60
N PHE A 260 -3.02 -19.99 17.43
CA PHE A 260 -3.44 -21.07 16.55
C PHE A 260 -2.27 -22.03 16.43
N LYS A 261 -2.44 -23.25 16.97
CA LYS A 261 -1.45 -24.32 16.84
C LYS A 261 -0.03 -23.86 17.21
N GLY A 262 0.09 -23.15 18.32
CA GLY A 262 1.40 -22.66 18.73
C GLY A 262 1.87 -21.39 18.05
N GLU A 263 1.12 -20.87 17.07
CA GLU A 263 1.44 -19.62 16.41
C GLU A 263 0.58 -18.50 17.01
N MET A 264 1.26 -17.53 17.63
CA MET A 264 0.62 -16.43 18.33
C MET A 264 0.54 -15.18 17.46
N VAL A 265 -0.60 -14.48 17.51
CA VAL A 265 -0.65 -13.11 17.02
C VAL A 265 -1.25 -12.25 18.12
N LYS A 266 -0.91 -10.95 18.09
CA LYS A 266 -1.31 -10.03 19.14
C LYS A 266 -1.96 -8.80 18.54
N VAL A 267 -2.89 -8.21 19.29
CA VAL A 267 -3.52 -6.94 18.92
C VAL A 267 -4.00 -6.31 20.23
N SER A 268 -4.13 -4.99 20.23
CA SER A 268 -4.50 -4.34 21.48
C SER A 268 -5.95 -4.65 21.85
N ARG A 269 -6.24 -4.59 23.15
CA ARG A 269 -7.61 -4.80 23.60
C ARG A 269 -8.57 -3.85 22.90
N GLY A 270 -8.18 -2.57 22.78
CA GLY A 270 -9.05 -1.61 22.12
C GLY A 270 -9.39 -1.99 20.68
N HIS A 271 -8.40 -2.51 19.94
CA HIS A 271 -8.68 -2.89 18.57
C HIS A 271 -9.49 -4.17 18.51
N PHE A 272 -9.21 -5.10 19.43
CA PHE A 272 -10.02 -6.31 19.53
C PHE A 272 -11.49 -5.98 19.75
N ASN A 273 -11.77 -5.07 20.69
CA ASN A 273 -13.16 -4.72 20.97
C ASN A 273 -13.79 -4.07 19.75
N LYS A 274 -13.03 -3.24 19.03
CA LYS A 274 -13.50 -2.66 17.78
C LYS A 274 -13.82 -3.73 16.73
N LEU A 275 -12.93 -4.72 16.57
CA LEU A 275 -13.21 -5.80 15.62
C LEU A 275 -14.46 -6.58 16.00
N GLU A 276 -14.70 -6.75 17.31
CA GLU A 276 -15.91 -7.45 17.72
C GLU A 276 -17.16 -6.70 17.28
N LEU A 277 -17.14 -5.36 17.39
CA LEU A 277 -18.28 -4.55 16.96
C LEU A 277 -18.44 -4.56 15.45
N LEU A 278 -17.34 -4.38 14.71
CA LEU A 278 -17.44 -4.46 13.24
C LEU A 278 -18.04 -5.80 12.81
N TYR A 279 -17.60 -6.88 13.44
CA TYR A 279 -18.10 -8.20 13.08
C TYR A 279 -19.60 -8.28 13.31
N ARG A 280 -20.09 -7.73 14.44
CA ARG A 280 -21.52 -7.68 14.70
C ARG A 280 -22.26 -6.90 13.63
N TYR A 281 -21.68 -5.78 13.20
CA TYR A 281 -22.31 -4.97 12.19
C TYR A 281 -22.17 -5.55 10.79
N SER A 282 -21.23 -6.47 10.58
CA SER A 282 -20.86 -6.83 9.21
C SER A 282 -21.01 -8.29 8.85
N CYS A 283 -20.93 -9.21 9.80
CA CYS A 283 -20.89 -10.63 9.45
C CYS A 283 -22.30 -11.21 9.57
N ILE A 284 -22.73 -11.99 8.57
CA ILE A 284 -24.08 -12.54 8.62
C ILE A 284 -24.09 -14.07 8.65
N ASP A 285 -22.94 -14.72 8.79
CA ASP A 285 -22.96 -16.19 8.75
C ASP A 285 -22.45 -16.83 10.03
N ASP A 286 -22.47 -16.10 11.14
CA ASP A 286 -21.79 -16.58 12.31
C ASP A 286 -22.54 -16.10 13.56
N PRO A 287 -23.82 -16.46 13.74
CA PRO A 287 -24.64 -15.80 14.76
C PRO A 287 -24.21 -16.14 16.17
N ARG A 288 -23.42 -17.20 16.38
CA ARG A 288 -22.98 -17.54 17.72
C ARG A 288 -21.50 -17.31 17.91
N PHE A 289 -20.85 -16.59 16.97
CA PHE A 289 -19.43 -16.22 17.04
C PHE A 289 -18.50 -17.42 17.09
N GLU A 290 -18.96 -18.56 16.61
CA GLU A 290 -18.11 -19.74 16.55
C GLU A 290 -16.87 -19.51 15.68
N LYS A 291 -17.00 -18.74 14.63
CA LYS A 291 -15.90 -18.57 13.66
C LYS A 291 -15.13 -17.27 13.90
N PHE A 292 -15.55 -16.48 14.90
CA PHE A 292 -14.98 -15.16 15.12
C PHE A 292 -13.48 -15.21 15.42
N LEU A 293 -13.05 -16.06 16.37
CA LEU A 293 -11.62 -16.03 16.68
C LEU A 293 -10.77 -16.60 15.54
N SER A 294 -11.29 -17.59 14.81
CA SER A 294 -10.59 -18.06 13.63
C SER A 294 -10.35 -16.92 12.65
N ARG A 295 -11.34 -16.04 12.48
CA ARG A 295 -11.22 -14.97 11.48
C ARG A 295 -10.38 -13.81 12.00
N VAL A 296 -10.47 -13.48 13.29
CA VAL A 296 -9.59 -12.44 13.81
C VAL A 296 -8.14 -12.88 13.68
N TRP A 297 -7.86 -14.17 13.97
CA TRP A 297 -6.49 -14.68 13.82
C TRP A 297 -6.00 -14.53 12.38
N CYS A 298 -6.85 -14.89 11.40
CA CYS A 298 -6.51 -14.70 9.99
C CYS A 298 -6.26 -13.24 9.66
N LEU A 299 -7.15 -12.36 10.16
CA LEU A 299 -7.07 -10.92 9.85
C LEU A 299 -5.74 -10.33 10.32
N ILE A 300 -5.40 -10.55 11.59
CA ILE A 300 -4.15 -10.03 12.15
C ILE A 300 -2.95 -10.61 11.42
N LYS A 301 -2.96 -11.94 11.21
CA LYS A 301 -1.82 -12.55 10.51
C LYS A 301 -1.64 -11.96 9.12
N ARG A 302 -2.74 -11.78 8.37
CA ARG A 302 -2.63 -11.27 7.00
C ARG A 302 -2.04 -9.87 6.96
N TYR A 303 -2.47 -9.00 7.88
CA TYR A 303 -1.91 -7.65 7.88
C TYR A 303 -0.47 -7.63 8.41
N GLN A 304 -0.13 -8.54 9.34
CA GLN A 304 1.28 -8.69 9.73
C GLN A 304 2.15 -9.10 8.54
N VAL A 305 1.66 -10.05 7.73
CA VAL A 305 2.39 -10.54 6.56
C VAL A 305 2.54 -9.44 5.53
N MET A 306 1.45 -8.70 5.27
CA MET A 306 1.48 -7.56 4.36
C MET A 306 2.55 -6.54 4.76
N PHE A 307 2.68 -6.22 6.03
CA PHE A 307 3.66 -5.21 6.38
C PHE A 307 5.06 -5.78 6.60
N GLY A 308 5.15 -7.08 6.86
CA GLY A 308 6.44 -7.67 7.15
C GLY A 308 6.88 -7.51 8.58
N SER A 309 5.94 -7.23 9.49
CA SER A 309 6.20 -7.21 10.92
C SER A 309 4.92 -7.53 11.70
N GLY A 316 5.53 3.26 7.03
CA GLY A 316 6.33 4.12 6.17
C GLY A 316 5.80 4.17 4.76
N LEU A 317 4.68 3.49 4.56
CA LEU A 317 4.04 3.34 3.26
C LEU A 317 2.65 3.97 3.21
N GLN A 318 2.19 4.58 4.30
CA GLN A 318 0.83 5.07 4.39
C GLN A 318 0.71 5.96 5.61
N GLY A 319 -0.26 6.89 5.56
CA GLY A 319 -0.54 7.78 6.67
C GLY A 319 -1.95 7.56 7.18
N SER A 320 -2.26 8.16 8.33
CA SER A 320 -3.61 8.12 8.87
C SER A 320 -4.06 9.53 9.23
N LEU A 321 -5.42 9.77 9.16
CA LEU A 321 -5.86 11.13 9.46
C LEU A 321 -6.28 11.25 10.92
N PRO A 322 -6.05 12.41 11.55
CA PRO A 322 -6.51 12.61 12.92
C PRO A 322 -8.02 12.46 13.01
N VAL A 323 -8.48 11.93 14.16
CA VAL A 323 -9.91 11.81 14.42
C VAL A 323 -10.66 13.12 14.17
N PRO A 324 -10.25 14.27 14.73
CA PRO A 324 -11.05 15.49 14.50
C PRO A 324 -11.15 15.87 13.03
N VAL A 325 -10.22 15.44 12.18
CA VAL A 325 -10.36 15.71 10.75
C VAL A 325 -11.47 14.86 10.15
N PHE A 326 -11.55 13.57 10.54
CA PHE A 326 -12.67 12.74 10.08
C PHE A 326 -13.99 13.30 10.59
N GLU A 327 -14.04 13.76 11.86
CA GLU A 327 -15.25 14.37 12.39
C GLU A 327 -15.67 15.56 11.55
N ALA A 328 -14.72 16.44 11.23
CA ALA A 328 -15.03 17.58 10.39
C ALA A 328 -15.49 17.15 9.01
N LEU A 329 -14.82 16.14 8.41
CA LEU A 329 -15.23 15.68 7.08
C LEU A 329 -16.67 15.18 7.10
N ASN A 330 -17.04 14.42 8.13
CA ASN A 330 -18.41 13.97 8.22
C ASN A 330 -19.37 15.15 8.44
N LYS A 331 -19.03 16.05 9.35
CA LYS A 331 -19.99 17.11 9.70
C LYS A 331 -20.11 18.15 8.60
N GLN A 332 -18.97 18.58 8.04
CA GLN A 332 -18.98 19.66 7.06
C GLN A 332 -19.25 19.17 5.65
N PHE A 333 -18.88 17.92 5.33
CA PHE A 333 -19.02 17.44 3.96
C PHE A 333 -19.78 16.12 3.86
N GLY A 334 -20.34 15.62 4.95
CA GLY A 334 -21.18 14.43 4.87
C GLY A 334 -20.46 13.15 4.54
N VAL A 335 -19.14 13.10 4.76
CA VAL A 335 -18.36 11.89 4.48
C VAL A 335 -18.78 10.76 5.40
N THR A 336 -19.03 9.58 4.81
CA THR A 336 -19.42 8.38 5.57
C THR A 336 -18.56 7.16 5.27
N PHE A 337 -17.52 7.26 4.44
CA PHE A 337 -16.90 6.08 3.84
C PHE A 337 -15.43 6.36 3.53
N GLU A 338 -14.55 5.40 3.81
CA GLU A 338 -13.11 5.52 3.47
C GLU A 338 -12.76 4.66 2.26
N CYS A 339 -12.21 5.28 1.20
CA CYS A 339 -11.85 4.53 0.00
C CYS A 339 -10.64 3.61 0.20
N PHE A 340 -9.75 3.94 1.13
CA PHE A 340 -8.60 3.11 1.44
C PHE A 340 -8.52 2.96 2.94
N ALA A 341 -8.65 1.73 3.44
CA ALA A 341 -8.63 1.49 4.88
C ALA A 341 -8.37 0.01 5.13
N SER A 342 -8.36 -0.35 6.42
CA SER A 342 -8.38 -1.71 6.91
C SER A 342 -9.35 -1.77 8.08
N PRO A 343 -9.80 -2.98 8.48
CA PRO A 343 -10.63 -3.06 9.68
C PRO A 343 -9.91 -2.49 10.89
N LEU A 344 -8.58 -2.59 10.93
CA LEU A 344 -7.85 -2.05 12.07
C LEU A 344 -7.79 -0.52 12.06
N ASN A 345 -7.72 0.14 10.90
CA ASN A 345 -7.47 1.59 10.95
C ASN A 345 -8.66 2.44 10.52
N CYS A 346 -9.77 1.81 10.11
CA CYS A 346 -10.91 2.55 9.60
C CYS A 346 -11.52 3.41 10.70
N TYR A 347 -12.13 4.51 10.28
CA TYR A 347 -12.89 5.39 11.18
C TYR A 347 -14.38 5.09 11.13
N PHE A 348 -14.88 4.79 9.95
CA PHE A 348 -16.25 4.40 9.67
C PHE A 348 -16.38 2.89 9.61
N LYS A 349 -17.62 2.39 9.74
CA LYS A 349 -17.81 0.95 9.61
C LYS A 349 -17.96 0.49 8.16
N GLN A 350 -18.00 1.41 7.21
CA GLN A 350 -17.99 1.06 5.78
C GLN A 350 -16.76 1.68 5.14
N PHE A 351 -16.03 0.90 4.34
CA PHE A 351 -14.74 1.29 3.77
C PHE A 351 -14.38 0.25 2.73
N CYS A 352 -13.44 0.60 1.85
CA CYS A 352 -12.78 -0.36 0.96
C CYS A 352 -11.45 -0.77 1.56
N SER A 353 -11.00 -2.00 1.25
CA SER A 353 -9.73 -2.49 1.78
C SER A 353 -9.12 -3.46 0.78
N ALA A 354 -7.90 -3.91 1.09
CA ALA A 354 -7.19 -4.71 0.08
C ALA A 354 -7.62 -6.17 0.08
N PHE A 355 -8.22 -6.69 1.15
CA PHE A 355 -8.38 -8.12 1.34
C PHE A 355 -9.84 -8.48 1.57
N PRO A 356 -10.67 -8.47 0.52
CA PRO A 356 -12.09 -8.82 0.70
C PRO A 356 -12.33 -10.22 1.25
N ASP A 357 -11.45 -11.18 1.00
CA ASP A 357 -11.70 -12.53 1.48
C ASP A 357 -11.83 -12.58 3.00
N ILE A 358 -11.05 -11.77 3.73
CA ILE A 358 -11.11 -11.75 5.17
C ILE A 358 -11.68 -10.45 5.72
N ASP A 359 -11.47 -9.32 5.06
CA ASP A 359 -11.92 -8.04 5.60
C ASP A 359 -13.45 -7.85 5.53
N GLY A 360 -14.12 -8.54 4.60
CA GLY A 360 -15.57 -8.38 4.51
C GLY A 360 -16.31 -8.72 5.78
N PHE A 361 -15.79 -9.67 6.58
CA PHE A 361 -16.46 -10.01 7.82
C PHE A 361 -16.38 -8.87 8.84
N PHE A 362 -15.57 -7.85 8.57
CA PHE A 362 -15.39 -6.72 9.46
C PHE A 362 -15.75 -5.39 8.78
N GLY A 363 -16.51 -5.43 7.68
CA GLY A 363 -17.09 -4.24 7.08
C GLY A 363 -16.55 -3.84 5.71
N SER A 364 -15.52 -4.50 5.19
CA SER A 364 -14.94 -4.09 3.92
C SER A 364 -15.90 -4.30 2.75
N ARG A 365 -15.99 -3.29 1.88
CA ARG A 365 -16.66 -3.41 0.60
C ARG A 365 -15.71 -3.88 -0.51
N GLY A 366 -14.49 -4.29 -0.15
CA GLY A 366 -13.57 -4.87 -1.11
C GLY A 366 -12.59 -3.83 -1.62
N PRO A 367 -11.74 -4.19 -2.59
CA PRO A 367 -10.74 -3.24 -3.09
C PRO A 367 -11.40 -2.08 -3.79
N PHE A 368 -10.78 -0.90 -3.65
CA PHE A 368 -11.41 0.31 -4.17
C PHE A 368 -11.61 0.27 -5.69
N LEU A 369 -10.61 -0.22 -6.44
CA LEU A 369 -10.76 -0.18 -7.89
C LEU A 369 -11.92 -1.04 -8.37
N SER A 370 -12.42 -1.94 -7.54
CA SER A 370 -13.53 -2.82 -7.86
C SER A 370 -14.86 -2.33 -7.33
N PHE A 371 -14.87 -1.17 -6.68
CA PHE A 371 -16.03 -0.63 -5.98
C PHE A 371 -16.60 0.50 -6.81
N SER A 372 -17.88 0.43 -7.15
CA SER A 372 -18.45 1.39 -8.10
C SER A 372 -19.67 2.09 -7.53
N PRO A 373 -19.49 3.10 -6.70
CA PRO A 373 -20.64 3.85 -6.19
C PRO A 373 -21.24 4.78 -7.24
N ALA A 374 -22.56 4.88 -7.22
CA ALA A 374 -23.26 5.86 -8.02
C ALA A 374 -23.46 7.16 -7.27
N SER A 375 -23.41 7.14 -5.94
CA SER A 375 -23.51 8.37 -5.18
C SER A 375 -23.00 8.12 -3.78
N GLY A 376 -22.77 9.22 -3.07
CA GLY A 376 -22.22 9.21 -1.73
C GLY A 376 -21.10 10.23 -1.57
N SER A 377 -20.64 10.35 -0.32
CA SER A 377 -19.60 11.31 0.06
C SER A 377 -18.45 10.52 0.66
N PHE A 378 -17.27 10.64 0.04
CA PHE A 378 -16.15 9.75 0.31
C PHE A 378 -14.89 10.53 0.67
N GLU A 379 -14.05 9.90 1.51
CA GLU A 379 -12.68 10.29 1.79
C GLU A 379 -11.74 9.27 1.16
N ALA A 380 -10.57 9.72 0.71
CA ALA A 380 -9.59 8.81 0.12
C ALA A 380 -8.18 9.21 0.55
N ASN A 381 -7.46 8.29 1.20
CA ASN A 381 -6.09 8.53 1.66
C ASN A 381 -5.24 7.32 1.28
N PRO A 382 -4.89 7.18 0.00
CA PRO A 382 -4.31 5.91 -0.51
C PRO A 382 -2.92 5.68 0.03
N PRO A 383 -2.45 4.42 0.07
CA PRO A 383 -1.04 4.20 0.40
C PRO A 383 -0.15 4.85 -0.65
N PHE A 384 1.15 4.98 -0.31
CA PHE A 384 2.10 5.70 -1.15
C PHE A 384 2.66 4.78 -2.24
N CYS A 385 1.78 4.46 -3.19
CA CYS A 385 2.13 3.66 -4.36
C CYS A 385 1.70 4.44 -5.60
N GLU A 386 2.66 4.90 -6.41
CA GLU A 386 2.33 5.79 -7.52
C GLU A 386 1.35 5.13 -8.49
N GLU A 387 1.51 3.83 -8.76
CA GLU A 387 0.67 3.18 -9.76
C GLU A 387 -0.76 3.03 -9.26
N LEU A 388 -0.93 2.71 -7.97
CA LEU A 388 -2.27 2.65 -7.39
C LEU A 388 -2.94 4.02 -7.38
N MET A 389 -2.21 5.07 -6.96
CA MET A 389 -2.80 6.40 -6.97
C MET A 389 -3.26 6.80 -8.36
N ASP A 390 -2.48 6.44 -9.39
CA ASP A 390 -2.85 6.78 -10.77
C ASP A 390 -4.09 6.02 -11.22
N ALA A 391 -4.17 4.73 -10.91
CA ALA A 391 -5.40 3.99 -11.21
C ALA A 391 -6.57 4.55 -10.42
N MET A 392 -6.32 4.99 -9.18
CA MET A 392 -7.39 5.57 -8.36
C MET A 392 -8.02 6.78 -9.04
N VAL A 393 -7.19 7.63 -9.65
CA VAL A 393 -7.68 8.84 -10.34
C VAL A 393 -8.50 8.46 -11.58
N THR A 394 -7.99 7.52 -12.37
CA THR A 394 -8.78 7.04 -13.51
C THR A 394 -10.15 6.56 -13.06
N HIS A 395 -10.18 5.85 -11.93
CA HIS A 395 -11.43 5.31 -11.41
C HIS A 395 -12.38 6.41 -10.93
N PHE A 396 -11.85 7.36 -10.13
CA PHE A 396 -12.61 8.55 -9.73
C PHE A 396 -13.35 9.16 -10.91
N GLU A 397 -12.60 9.54 -11.96
CA GLU A 397 -13.19 10.28 -13.05
C GLU A 397 -14.18 9.44 -13.84
N ASP A 398 -13.97 8.11 -13.88
CA ASP A 398 -14.94 7.22 -14.53
C ASP A 398 -16.27 7.21 -13.77
N LEU A 399 -16.21 7.18 -12.44
CA LEU A 399 -17.40 7.17 -11.60
C LEU A 399 -18.11 8.52 -11.62
N LEU A 400 -17.35 9.61 -11.58
CA LEU A 400 -17.95 10.94 -11.56
C LEU A 400 -18.72 11.23 -12.85
N GLY A 401 -18.23 10.71 -13.98
CA GLY A 401 -18.87 10.89 -15.26
C GLY A 401 -19.90 9.84 -15.62
N ARG A 402 -20.00 8.76 -14.84
CA ARG A 402 -21.04 7.77 -15.08
C ARG A 402 -22.33 8.05 -14.31
N SER A 403 -22.31 8.98 -13.36
CA SER A 403 -23.44 9.21 -12.47
C SER A 403 -23.76 10.71 -12.42
N SER A 404 -25.05 11.02 -12.48
CA SER A 404 -25.52 12.37 -12.23
C SER A 404 -25.96 12.58 -10.79
N GLU A 405 -25.99 11.52 -9.99
CA GLU A 405 -26.33 11.59 -8.58
C GLU A 405 -25.18 12.16 -7.76
N PRO A 406 -25.47 12.73 -6.59
CA PRO A 406 -24.44 13.46 -5.84
C PRO A 406 -23.27 12.57 -5.45
N LEU A 407 -22.08 12.94 -5.92
CA LEU A 407 -20.90 12.13 -5.73
C LEU A 407 -19.73 13.04 -5.41
N SER A 408 -19.00 12.73 -4.33
CA SER A 408 -17.87 13.57 -3.93
C SER A 408 -16.74 12.71 -3.39
N PHE A 409 -15.50 13.12 -3.70
CA PHE A 409 -14.30 12.49 -3.18
C PHE A 409 -13.36 13.57 -2.66
N ILE A 410 -13.00 13.49 -1.37
CA ILE A 410 -12.01 14.38 -0.76
C ILE A 410 -10.75 13.57 -0.56
N ILE A 411 -9.69 13.92 -1.29
CA ILE A 411 -8.52 13.08 -1.49
C ILE A 411 -7.31 13.70 -0.80
N PHE A 412 -6.58 12.90 -0.01
CA PHE A 412 -5.36 13.30 0.69
C PHE A 412 -4.18 12.54 0.11
N VAL A 413 -3.24 13.26 -0.51
CA VAL A 413 -2.00 12.65 -1.02
C VAL A 413 -0.83 13.56 -0.72
N PRO A 414 0.38 12.98 -0.64
CA PRO A 414 1.56 13.81 -0.39
C PRO A 414 1.86 14.72 -1.57
N GLU A 415 2.38 15.91 -1.27
CA GLU A 415 2.70 16.92 -2.30
C GLU A 415 4.05 16.60 -2.95
N TRP A 416 4.06 15.56 -3.78
CA TRP A 416 5.25 15.15 -4.51
C TRP A 416 5.39 16.02 -5.75
N ARG A 417 6.42 16.88 -5.79
CA ARG A 417 6.65 17.80 -6.88
C ARG A 417 7.97 17.59 -7.62
N ASP A 418 8.91 16.83 -7.06
CA ASP A 418 10.25 16.66 -7.65
C ASP A 418 10.60 15.18 -7.69
N PRO A 419 10.11 14.44 -8.72
CA PRO A 419 9.20 14.86 -9.78
C PRO A 419 7.74 14.81 -9.33
N PRO A 420 6.82 15.36 -10.12
CA PRO A 420 5.40 15.22 -9.77
C PRO A 420 4.91 13.82 -10.05
N THR A 421 3.88 13.41 -9.30
CA THR A 421 3.36 12.10 -9.64
C THR A 421 2.18 12.24 -10.60
N PRO A 422 2.01 11.31 -11.54
CA PRO A 422 0.91 11.43 -12.51
C PRO A 422 -0.47 11.61 -11.89
N ALA A 423 -0.72 10.94 -10.77
CA ALA A 423 -2.00 11.07 -10.09
C ALA A 423 -2.26 12.51 -9.67
N LEU A 424 -1.26 13.16 -9.06
CA LEU A 424 -1.49 14.53 -8.60
C LEU A 424 -1.61 15.49 -9.77
N THR A 425 -0.77 15.29 -10.79
CA THR A 425 -0.89 16.12 -11.98
C THR A 425 -2.25 15.95 -12.64
N ARG A 426 -2.76 14.72 -12.70
CA ARG A 426 -4.03 14.50 -13.38
C ARG A 426 -5.20 15.05 -12.55
N MET A 427 -5.14 14.89 -11.23
CA MET A 427 -6.19 15.44 -10.39
C MET A 427 -6.26 16.95 -10.47
N GLU A 428 -5.12 17.61 -10.66
CA GLU A 428 -5.15 19.07 -10.72
C GLU A 428 -5.73 19.56 -12.04
N ALA A 429 -5.66 18.76 -13.10
CA ALA A 429 -6.25 19.08 -14.39
C ALA A 429 -7.68 18.58 -14.55
N SER A 430 -8.23 17.93 -13.53
CA SER A 430 -9.53 17.29 -13.66
C SER A 430 -10.65 18.30 -13.84
N ARG A 431 -11.58 17.99 -14.74
CA ARG A 431 -12.76 18.83 -14.89
C ARG A 431 -13.69 18.75 -13.70
N PHE A 432 -13.42 17.86 -12.75
CA PHE A 432 -14.25 17.69 -11.58
C PHE A 432 -13.69 18.37 -10.34
N ARG A 433 -12.52 19.00 -10.44
CA ARG A 433 -11.91 19.63 -9.26
C ARG A 433 -12.71 20.84 -8.84
N ARG A 434 -13.16 20.86 -7.58
CA ARG A 434 -13.87 22.01 -7.05
C ARG A 434 -13.03 22.86 -6.10
N HIS A 435 -11.99 22.29 -5.51
CA HIS A 435 -11.12 23.01 -4.60
C HIS A 435 -9.85 22.18 -4.41
N GLN A 436 -8.79 22.87 -4.00
CA GLN A 436 -7.53 22.22 -3.62
C GLN A 436 -6.82 23.10 -2.60
N MET A 437 -6.12 22.44 -1.66
CA MET A 437 -5.37 23.15 -0.63
C MET A 437 -4.25 22.24 -0.13
N THR A 438 -3.44 22.79 0.77
CA THR A 438 -2.33 22.10 1.40
C THR A 438 -2.52 22.09 2.92
N VAL A 439 -2.43 20.91 3.52
CA VAL A 439 -2.59 20.76 4.97
C VAL A 439 -1.31 20.18 5.56
N PRO A 440 -1.16 20.13 6.90
CA PRO A 440 0.05 19.55 7.48
C PRO A 440 0.35 18.14 6.97
N ALA A 441 1.64 17.83 6.90
CA ALA A 441 2.07 16.54 6.38
C ALA A 441 1.68 15.40 7.31
N PHE A 442 1.71 14.19 6.77
CA PHE A 442 1.30 13.01 7.53
C PHE A 442 2.29 12.77 8.67
N GLU A 443 1.78 12.78 9.90
CA GLU A 443 2.56 12.45 11.08
C GLU A 443 2.04 11.13 11.66
N HIS A 444 2.89 10.47 12.44
CA HIS A 444 2.52 9.20 13.04
C HIS A 444 1.40 9.40 14.07
N GLU A 445 0.33 8.63 13.93
CA GLU A 445 -0.84 8.71 14.79
C GLU A 445 -0.82 7.59 15.82
N TYR A 446 -1.31 7.88 17.03
CA TYR A 446 -1.09 6.99 18.17
C TYR A 446 -1.95 5.73 18.11
N ARG A 447 -3.18 5.84 17.61
CA ARG A 447 -4.05 4.66 17.54
C ARG A 447 -3.50 3.61 16.57
N HIS A 465 7.26 16.64 3.92
CA HIS A 465 6.70 17.00 2.61
C HIS A 465 5.56 18.04 2.66
N GLY A 466 4.35 17.59 3.01
CA GLY A 466 3.16 18.42 2.94
C GLY A 466 2.07 17.65 2.22
N THR A 467 0.80 17.82 2.63
CA THR A 467 -0.31 17.02 2.12
C THR A 467 -1.21 17.88 1.24
N ALA A 468 -1.42 17.44 0.00
CA ALA A 468 -2.40 18.06 -0.88
C ALA A 468 -3.78 17.46 -0.65
N VAL A 469 -4.79 18.32 -0.57
CA VAL A 469 -6.19 17.91 -0.40
C VAL A 469 -6.96 18.37 -1.61
N ILE A 470 -7.50 17.43 -2.38
CA ILE A 470 -8.22 17.72 -3.61
C ILE A 470 -9.68 17.33 -3.45
N PHE A 471 -10.58 18.23 -3.88
CA PHE A 471 -12.02 18.00 -3.89
C PHE A 471 -12.46 17.70 -5.33
N LEU A 472 -12.81 16.45 -5.60
CA LEU A 472 -13.37 16.04 -6.88
C LEU A 472 -14.84 15.73 -6.68
N GLN A 473 -15.71 16.52 -7.32
CA GLN A 473 -17.14 16.31 -7.23
C GLN A 473 -17.78 16.49 -8.59
N ASN A 474 -18.94 15.87 -8.78
CA ASN A 474 -19.76 16.17 -9.95
C ASN A 474 -20.70 17.32 -9.62
N ASN A 475 -21.56 17.68 -10.57
CA ASN A 475 -22.43 18.83 -10.37
C ASN A 475 -23.32 18.66 -9.15
N ALA A 476 -23.96 17.48 -9.02
CA ALA A 476 -24.83 17.25 -7.88
C ALA A 476 -24.05 17.10 -6.58
N GLY A 477 -22.84 16.55 -6.64
CA GLY A 477 -21.99 16.52 -5.45
C GLY A 477 -21.56 17.91 -5.03
N PHE A 478 -21.17 18.76 -6.00
CA PHE A 478 -20.82 20.14 -5.70
C PHE A 478 -22.03 20.89 -5.17
N ALA A 479 -23.23 20.53 -5.61
CA ALA A 479 -24.41 21.21 -5.10
C ALA A 479 -24.68 20.84 -3.66
N LYS A 480 -24.57 19.54 -3.33
CA LYS A 480 -24.94 19.07 -2.00
C LYS A 480 -23.87 19.43 -0.96
N TRP A 481 -22.60 19.20 -1.29
CA TRP A 481 -21.51 19.35 -0.34
C TRP A 481 -20.49 20.34 -0.87
N GLU A 482 -20.93 21.55 -1.19
CA GLU A 482 -20.03 22.53 -1.80
C GLU A 482 -18.91 22.91 -0.83
N PRO A 483 -17.67 22.99 -1.30
CA PRO A 483 -16.58 23.48 -0.43
C PRO A 483 -16.59 25.01 -0.29
N THR A 484 -17.41 25.50 0.63
CA THR A 484 -17.52 26.92 0.89
C THR A 484 -16.36 27.39 1.77
N THR A 485 -16.29 28.70 1.97
CA THR A 485 -15.26 29.26 2.85
C THR A 485 -15.43 28.75 4.27
N GLU A 486 -16.66 28.69 4.76
CA GLU A 486 -16.93 28.25 6.13
C GLU A 486 -16.50 26.80 6.35
N ARG A 487 -16.96 25.91 5.47
CA ARG A 487 -16.67 24.49 5.65
C ARG A 487 -15.18 24.21 5.54
N ILE A 488 -14.49 24.88 4.63
CA ILE A 488 -13.04 24.71 4.51
C ILE A 488 -12.34 25.14 5.81
N GLN A 489 -12.85 26.19 6.45
CA GLN A 489 -12.23 26.67 7.69
C GLN A 489 -12.44 25.66 8.83
N GLU A 490 -13.64 25.08 8.93
CA GLU A 490 -13.85 24.10 9.99
C GLU A 490 -12.98 22.88 9.79
N LEU A 491 -12.74 22.50 8.54
CA LEU A 491 -11.84 21.39 8.27
C LEU A 491 -10.41 21.73 8.68
N LEU A 492 -9.92 22.91 8.28
CA LEU A 492 -8.58 23.33 8.67
C LEU A 492 -8.46 23.42 10.19
N ALA A 493 -9.51 23.92 10.86
CA ALA A 493 -9.49 24.03 12.33
C ALA A 493 -9.29 22.69 13.02
N ALA A 494 -9.66 21.57 12.38
CA ALA A 494 -9.54 20.25 13.00
C ALA A 494 -8.10 19.80 13.16
N TYR A 495 -7.14 20.46 12.49
CA TYR A 495 -5.72 20.23 12.78
C TYR A 495 -5.25 21.09 13.96
N LYS A 496 -5.65 22.38 13.97
CA LYS A 496 -5.29 23.34 15.01
C LYS A 496 -5.58 22.82 16.43
N SAH B . -8.27 4.62 6.64
CA SAH B . -7.17 5.49 7.07
CB SAH B . -5.79 4.92 6.73
CG SAH B . -5.30 4.98 5.28
SD SAH B . -3.79 4.01 5.07
C SAH B . -7.41 6.84 6.41
O SAH B . -6.79 7.83 6.81
OXT SAH B . -8.26 6.94 5.50
C5' SAH B . -4.22 3.32 3.44
C4' SAH B . -5.06 2.03 3.47
O4' SAH B . -5.36 1.58 2.14
C3' SAH B . -4.30 0.88 4.13
O3' SAH B . -5.06 0.32 5.18
C2' SAH B . -4.08 -0.13 3.00
O2' SAH B . -3.97 -1.49 3.41
C1' SAH B . -5.32 0.15 2.18
N9 SAH B . -5.32 -0.43 0.82
C8 SAH B . -4.31 -1.01 0.09
N7 SAH B . -4.82 -1.37 -1.11
C5 SAH B . -6.14 -1.01 -1.16
C6 SAH B . -7.12 -1.12 -2.14
N6 SAH B . -6.84 -1.69 -3.35
N1 SAH B . -8.36 -0.62 -1.87
C2 SAH B . -8.66 -0.05 -0.64
N3 SAH B . -7.68 0.06 0.31
C4 SAH B . -6.44 -0.41 0.05
C1 EDO C . -1.25 -6.56 -1.89
O1 EDO C . -1.85 -7.85 -1.91
C2 EDO C . -2.24 -5.55 -1.31
O2 EDO C . -3.30 -5.28 -2.26
C1 EDO D . -12.39 -20.88 9.99
O1 EDO D . -11.64 -19.75 9.51
C2 EDO D . -13.88 -20.48 10.09
O2 EDO D . -14.38 -20.31 8.76
C1 EDO E . -19.60 -15.64 4.36
O1 EDO E . -18.62 -16.68 4.45
C2 EDO E . -19.03 -14.58 3.41
O2 EDO E . -19.58 -13.29 3.55
PA M7G F . 12.04 7.47 -1.98
O1A M7G F . 12.36 8.93 -2.08
O2A M7G F . 13.12 6.50 -2.37
O3A M7G F . 11.58 7.13 -0.46
O5' M7G F . 10.70 7.16 -2.81
PB M7G F . 10.70 7.88 0.67
O1B M7G F . 10.35 6.81 1.68
O2B M7G F . 9.48 8.43 -0.03
O3B M7G F . 11.61 8.97 1.24
C5' M7G F . 10.14 5.81 -2.83
C4' M7G F . 9.04 5.73 -3.87
O4' M7G F . 7.92 6.56 -3.47
C3' M7G F . 9.42 6.22 -5.29
O3' M7G F . 10.04 5.21 -6.07
C2' M7G F . 8.12 6.77 -5.82
O2' M7G F . 7.30 5.74 -6.29
C1' M7G F . 7.52 7.39 -4.55
N9 M7G F . 7.93 8.79 -4.31
C8 M7G F . 8.48 9.26 -3.03
N7 M7G F . 8.80 10.66 -3.30
CM7 M7G F . 9.48 11.50 -2.33
C5 M7G F . 8.37 11.02 -4.60
C6 M7G F . 8.40 12.25 -5.28
O6 M7G F . 8.83 13.34 -4.88
N1 M7G F . 7.84 12.12 -6.55
C2 M7G F . 7.33 10.98 -7.10
N2 M7G F . 6.83 11.06 -8.33
N3 M7G F . 7.31 9.82 -6.45
C4 M7G F . 7.83 9.87 -5.20
#